data_7F1G
#
_entry.id   7F1G
#
_cell.length_a   63.438
_cell.length_b   74.635
_cell.length_c   106.763
_cell.angle_alpha   90.000
_cell.angle_beta   90.000
_cell.angle_gamma   90.000
#
_symmetry.space_group_name_H-M   'P 21 21 21'
#
loop_
_entity.id
_entity.type
_entity.pdbx_description
1 polymer 'Beta-secretase 2'
2 polymer XAPERONE
3 non-polymer N-[3-[(4R,5R,6R)-2-azanyl-5-fluoranyl-4,6-dimethyl-5,6-dihydro-1,3-thiazin-4-yl]-4-fluoranyl-phenyl]-2,3-dihydro-[1,4]dioxino[2,3-c]pyridine-7-carboxamide
4 water water
#
loop_
_entity_poly.entity_id
_entity_poly.type
_entity_poly.pdbx_seq_one_letter_code
_entity_poly.pdbx_strand_id
1 'polypeptide(L)'
;ANFLAMVDNLQGDSGRGYYLEMLIGTPPQKLQILVDTGSSNFAVAGTPHSYIDTYFDTERSSTYRSKGFDVTVKYTQGSW
TGFVGEDLVTIPKGFNTSFLVNIATIFESENFFLPGIKWNGILGLAYATLAKPSSSLETFFDSLVTQANIPNVFSMQMCG
AGLPVAGSGTNGGSLVLGGIEPSLYKGDIWYTPIKEEWYYQIEILKLEIGGQSLNLDCREYNADKAIVDSGTTLLRLPQK
VFDAVVEAVARASLIPEFSDGFWTGSQLACWTNSETPWSYFPKISIYLRDENSSRSFRITILPQLYIQPMMGAGLNYECY
RFGISPSTNALVIGATVMEGFYVIFDRAQKRVGFAASPCAEIAGAAVSEISGPFSTEDVASNCVPA
;
A
2 'polypeptide(L)'
;AQVQLQESGGGLVQPGGSLRLSCAASGFTFSSAIMTWVRQAPGKGREWVSTIGSDGSITTYADSVKGRFTISRDNARNTL
YLQMNSLKPEDTAVYYCTSAGRRGPGTQVTVSS
;
D
#
# COMPACT_ATOMS: atom_id res chain seq x y z
N ALA A 1 -4.62 13.85 -10.57
CA ALA A 1 -5.61 12.80 -10.13
C ALA A 1 -6.90 13.40 -9.56
N ASN A 2 -7.98 12.63 -9.65
CA ASN A 2 -9.30 13.01 -9.13
C ASN A 2 -9.69 12.03 -8.01
N PHE A 3 -9.72 12.53 -6.76
CA PHE A 3 -10.04 11.70 -5.58
C PHE A 3 -11.51 11.30 -5.49
N LEU A 4 -12.42 12.17 -5.93
CA LEU A 4 -13.86 11.82 -6.01
C LEU A 4 -14.17 10.67 -6.96
N ALA A 5 -13.47 10.63 -8.10
CA ALA A 5 -13.56 9.48 -9.04
C ALA A 5 -13.08 8.14 -8.47
N MET A 6 -12.19 8.18 -7.46
CA MET A 6 -11.72 6.98 -6.74
C MET A 6 -12.68 6.46 -5.65
N VAL A 7 -13.73 7.22 -5.31
CA VAL A 7 -14.74 6.75 -4.33
C VAL A 7 -15.48 5.57 -4.94
N ASP A 8 -15.67 4.51 -4.15
CA ASP A 8 -16.29 3.25 -4.58
C ASP A 8 -15.55 2.51 -5.72
N ASN A 9 -14.22 2.71 -5.81
CA ASN A 9 -13.41 2.02 -6.85
C ASN A 9 -12.99 0.59 -6.51
N LEU A 10 -13.30 0.11 -5.29
CA LEU A 10 -13.04 -1.28 -4.90
C LEU A 10 -14.33 -2.07 -4.87
N GLN A 11 -14.24 -3.36 -5.23
CA GLN A 11 -15.34 -4.32 -5.15
C GLN A 11 -14.96 -5.47 -4.25
N GLY A 12 -15.97 -6.12 -3.68
CA GLY A 12 -15.81 -7.28 -2.79
C GLY A 12 -16.20 -7.00 -1.35
N ASP A 13 -15.96 -8.02 -0.52
CA ASP A 13 -16.16 -7.96 0.93
C ASP A 13 -14.93 -8.52 1.64
N GLY A 15 -15.41 -11.23 3.57
CA GLY A 15 -15.68 -11.88 2.29
C GLY A 15 -14.48 -12.54 1.65
N ARG A 16 -14.06 -12.04 0.48
CA ARG A 16 -12.94 -12.63 -0.31
C ARG A 16 -11.86 -11.63 -0.80
N GLY A 17 -11.84 -10.41 -0.25
CA GLY A 17 -10.81 -9.40 -0.55
C GLY A 17 -11.35 -8.23 -1.34
N TYR A 18 -10.74 -7.07 -1.12
CA TYR A 18 -11.11 -5.83 -1.81
C TYR A 18 -10.17 -5.66 -2.97
N TYR A 19 -10.73 -5.59 -4.18
CA TYR A 19 -9.93 -5.53 -5.39
C TYR A 19 -10.23 -4.32 -6.28
N LEU A 20 -9.16 -3.83 -6.90
CA LEU A 20 -9.16 -2.65 -7.75
C LEU A 20 -9.07 -3.12 -9.20
N GLU A 21 -9.79 -2.42 -10.08
CA GLU A 21 -9.81 -2.72 -11.51
C GLU A 21 -8.59 -2.02 -12.11
N MET A 22 -7.72 -2.78 -12.78
CA MET A 22 -6.48 -2.26 -13.36
C MET A 22 -6.36 -2.73 -14.80
N LEU A 23 -5.94 -1.81 -15.67
CA LEU A 23 -5.77 -2.07 -17.11
C LEU A 23 -4.29 -2.14 -17.41
N ILE A 24 -3.84 -3.25 -17.99
CA ILE A 24 -2.42 -3.53 -18.19
C ILE A 24 -2.15 -3.79 -19.67
N GLY A 25 -1.09 -3.16 -20.19
CA GLY A 25 -0.60 -3.43 -21.55
C GLY A 25 -1.27 -2.65 -22.65
N THR A 26 -0.85 -2.98 -23.88
CA THR A 26 -1.28 -2.28 -25.11
C THR A 26 -1.65 -3.32 -26.21
N PRO A 27 -2.93 -3.50 -26.57
CA PRO A 27 -4.08 -2.81 -25.96
C PRO A 27 -4.36 -3.30 -24.53
N PRO A 28 -5.14 -2.53 -23.74
CA PRO A 28 -5.30 -2.89 -22.32
C PRO A 28 -6.06 -4.19 -22.05
N GLN A 29 -5.56 -4.95 -21.07
CA GLN A 29 -6.20 -6.15 -20.54
C GLN A 29 -6.62 -5.81 -19.12
N LYS A 30 -7.91 -5.96 -18.84
CA LYS A 30 -8.47 -5.61 -17.52
C LYS A 30 -8.31 -6.77 -16.57
N LEU A 31 -7.72 -6.48 -15.41
CA LEU A 31 -7.57 -7.46 -14.34
C LEU A 31 -8.16 -6.93 -13.03
N GLN A 32 -8.58 -7.86 -12.17
N GLN A 32 -8.57 -7.86 -12.17
CA GLN A 32 -9.10 -7.58 -10.83
CA GLN A 32 -9.10 -7.59 -10.83
C GLN A 32 -7.99 -7.84 -9.83
C GLN A 32 -7.99 -7.84 -9.83
N ILE A 33 -7.53 -6.79 -9.15
CA ILE A 33 -6.29 -6.83 -8.35
C ILE A 33 -6.54 -6.54 -6.87
N LEU A 34 -6.18 -7.50 -6.00
CA LEU A 34 -6.30 -7.36 -4.55
C LEU A 34 -5.42 -6.23 -4.02
N VAL A 35 -6.03 -5.31 -3.27
CA VAL A 35 -5.33 -4.19 -2.63
C VAL A 35 -4.72 -4.74 -1.35
N ASP A 36 -3.38 -4.76 -1.29
CA ASP A 36 -2.63 -5.40 -0.21
C ASP A 36 -1.55 -4.45 0.35
N THR A 37 -1.83 -3.88 1.51
CA THR A 37 -0.86 -3.05 2.23
C THR A 37 0.20 -3.87 3.03
N GLY A 38 0.10 -5.21 3.04
CA GLY A 38 1.10 -6.09 3.67
C GLY A 38 2.14 -6.74 2.76
N SER A 39 2.22 -6.31 1.50
CA SER A 39 3.26 -6.78 0.56
C SER A 39 3.63 -5.63 -0.36
N SER A 40 4.67 -5.84 -1.19
CA SER A 40 5.23 -4.76 -2.04
C SER A 40 5.47 -5.10 -3.51
N ASN A 41 4.91 -6.21 -4.00
CA ASN A 41 5.02 -6.61 -5.41
C ASN A 41 3.67 -6.44 -6.11
N PHE A 42 3.72 -5.97 -7.35
CA PHE A 42 2.57 -5.97 -8.23
C PHE A 42 2.67 -7.27 -9.02
N ALA A 43 1.83 -8.24 -8.68
CA ALA A 43 1.87 -9.59 -9.27
C ALA A 43 0.49 -9.98 -9.79
N VAL A 44 0.46 -10.55 -11.00
CA VAL A 44 -0.80 -10.95 -11.66
C VAL A 44 -0.66 -12.37 -12.22
N ALA A 45 -1.81 -13.00 -12.45
CA ALA A 45 -1.84 -14.31 -13.10
C ALA A 45 -1.36 -14.20 -14.55
N GLY A 46 -0.46 -15.12 -14.93
CA GLY A 46 0.07 -15.23 -16.30
C GLY A 46 -0.42 -16.39 -17.15
N THR A 47 -1.04 -17.41 -16.52
CA THR A 47 -1.51 -18.63 -17.17
C THR A 47 -3.00 -18.85 -16.82
N PRO A 48 -3.67 -19.86 -17.45
CA PRO A 48 -5.07 -20.12 -17.13
C PRO A 48 -5.35 -20.42 -15.67
N HIS A 49 -4.88 -21.52 -15.09
CA HIS A 49 -5.21 -21.93 -13.71
C HIS A 49 -6.75 -22.14 -13.48
N SER A 50 -7.11 -22.93 -12.48
CA SER A 50 -8.52 -23.00 -12.00
C SER A 50 -8.76 -21.85 -11.03
N TYR A 51 -10.03 -21.57 -10.70
CA TYR A 51 -10.37 -20.49 -9.73
C TYR A 51 -10.13 -19.03 -10.21
N ILE A 52 -9.68 -18.82 -11.45
CA ILE A 52 -9.56 -17.48 -12.06
C ILE A 52 -10.24 -17.51 -13.43
N ASP A 53 -10.88 -16.40 -13.79
CA ASP A 53 -11.60 -16.25 -15.07
C ASP A 53 -10.61 -15.80 -16.14
N THR A 54 -9.96 -14.67 -15.87
CA THR A 54 -9.01 -14.02 -16.79
C THR A 54 -7.59 -13.99 -16.21
N TYR A 55 -6.64 -13.67 -17.10
CA TYR A 55 -5.23 -13.51 -16.73
C TYR A 55 -4.53 -12.59 -17.73
N PHE A 56 -3.38 -12.04 -17.32
CA PHE A 56 -2.60 -11.14 -18.16
C PHE A 56 -1.74 -11.97 -19.11
N ASP A 57 -2.04 -11.90 -20.41
CA ASP A 57 -1.25 -12.53 -21.46
C ASP A 57 -0.23 -11.48 -21.92
N THR A 58 1.04 -11.71 -21.56
CA THR A 58 2.14 -10.79 -21.91
C THR A 58 2.39 -10.73 -23.42
N GLU A 59 2.16 -11.84 -24.11
CA GLU A 59 2.32 -11.92 -25.57
C GLU A 59 1.31 -11.06 -26.38
N ARG A 60 0.19 -10.67 -25.77
CA ARG A 60 -0.78 -9.76 -26.39
C ARG A 60 -0.53 -8.27 -26.15
N SER A 61 0.45 -7.92 -25.30
CA SER A 61 0.82 -6.52 -25.06
C SER A 61 2.04 -6.15 -25.89
N SER A 62 1.88 -5.19 -26.78
CA SER A 62 2.99 -4.67 -27.60
C SER A 62 4.04 -3.89 -26.81
N THR A 63 3.62 -3.28 -25.69
CA THR A 63 4.52 -2.49 -24.83
C THR A 63 5.21 -3.31 -23.72
N TYR A 64 4.79 -4.57 -23.48
CA TYR A 64 5.42 -5.43 -22.47
C TYR A 64 6.91 -5.67 -22.79
N ARG A 65 7.74 -5.63 -21.75
CA ARG A 65 9.17 -5.94 -21.85
C ARG A 65 9.58 -6.84 -20.69
N SER A 66 10.25 -7.95 -21.01
CA SER A 66 10.71 -8.91 -20.00
C SER A 66 12.05 -8.42 -19.44
N LYS A 67 12.19 -8.48 -18.11
CA LYS A 67 13.48 -8.19 -17.46
C LYS A 67 14.51 -9.33 -17.60
N GLY A 68 14.08 -10.52 -18.02
CA GLY A 68 14.97 -11.67 -18.15
C GLY A 68 15.31 -12.33 -16.83
N PHE A 69 14.43 -12.22 -15.83
CA PHE A 69 14.55 -12.98 -14.60
C PHE A 69 13.19 -13.24 -13.94
N ASP A 70 13.16 -14.29 -13.13
CA ASP A 70 11.97 -14.70 -12.40
C ASP A 70 12.06 -14.20 -10.98
N VAL A 71 10.92 -14.31 -10.29
CA VAL A 71 10.85 -14.07 -8.85
C VAL A 71 9.95 -15.16 -8.24
N THR A 72 10.41 -15.72 -7.11
CA THR A 72 9.68 -16.69 -6.33
C THR A 72 9.40 -16.04 -4.99
N VAL A 73 8.12 -15.93 -4.62
CA VAL A 73 7.69 -15.44 -3.32
C VAL A 73 7.07 -16.62 -2.59
N LYS A 74 7.52 -16.85 -1.35
CA LYS A 74 7.01 -17.93 -0.49
C LYS A 74 6.46 -17.36 0.82
N TYR A 75 5.25 -17.81 1.18
CA TYR A 75 4.56 -17.46 2.43
C TYR A 75 4.53 -18.70 3.33
N THR A 76 3.88 -18.58 4.50
CA THR A 76 3.68 -19.70 5.43
C THR A 76 2.74 -20.78 4.85
N GLN A 77 1.56 -20.34 4.40
CA GLN A 77 0.54 -21.23 3.84
C GLN A 77 0.85 -21.70 2.40
N GLY A 78 1.26 -20.76 1.54
CA GLY A 78 1.50 -21.02 0.11
C GLY A 78 2.62 -20.21 -0.52
N SER A 79 2.64 -20.19 -1.86
CA SER A 79 3.70 -19.53 -2.65
C SER A 79 3.33 -19.31 -4.12
N TRP A 80 4.18 -18.56 -4.82
CA TRP A 80 4.11 -18.42 -6.29
C TRP A 80 5.47 -18.09 -6.92
N THR A 81 5.59 -18.39 -8.22
CA THR A 81 6.73 -17.99 -9.05
C THR A 81 6.22 -17.32 -10.33
N GLY A 82 6.91 -16.26 -10.75
CA GLY A 82 6.51 -15.48 -11.91
C GLY A 82 7.67 -14.81 -12.64
N PHE A 83 7.42 -14.45 -13.91
CA PHE A 83 8.40 -13.72 -14.73
C PHE A 83 8.27 -12.26 -14.33
N VAL A 84 9.39 -11.56 -14.18
CA VAL A 84 9.38 -10.12 -13.86
C VAL A 84 9.53 -9.35 -15.17
N GLY A 85 8.60 -8.41 -15.40
CA GLY A 85 8.60 -7.58 -16.59
C GLY A 85 8.23 -6.15 -16.27
N GLU A 86 8.05 -5.38 -17.34
CA GLU A 86 7.64 -3.98 -17.27
C GLU A 86 6.53 -3.76 -18.28
N ASP A 87 5.53 -2.97 -17.92
CA ASP A 87 4.48 -2.56 -18.85
C ASP A 87 3.71 -1.34 -18.37
N LEU A 88 2.96 -0.75 -19.30
CA LEU A 88 2.08 0.37 -19.03
C LEU A 88 0.81 -0.09 -18.33
N VAL A 89 0.43 0.65 -17.28
CA VAL A 89 -0.78 0.38 -16.49
C VAL A 89 -1.64 1.64 -16.41
N THR A 90 -2.97 1.42 -16.47
CA THR A 90 -4.00 2.46 -16.40
C THR A 90 -4.94 2.06 -15.25
N ILE A 91 -5.24 3.00 -14.37
CA ILE A 91 -6.27 2.86 -13.33
C ILE A 91 -7.41 3.77 -13.80
N PRO A 92 -8.47 3.20 -14.43
CA PRO A 92 -9.52 4.09 -14.95
C PRO A 92 -10.30 4.90 -13.90
N LYS A 93 -10.57 4.30 -12.74
CA LYS A 93 -11.22 5.02 -11.62
C LYS A 93 -10.22 5.81 -10.81
N GLY A 94 -9.87 7.00 -11.31
CA GLY A 94 -8.99 7.96 -10.63
C GLY A 94 -8.02 8.72 -11.50
N PHE A 95 -7.46 8.05 -12.52
CA PHE A 95 -6.45 8.62 -13.41
C PHE A 95 -6.88 8.47 -14.87
N ASN A 96 -6.35 9.34 -15.73
CA ASN A 96 -6.63 9.30 -17.19
C ASN A 96 -5.35 9.18 -18.05
N THR A 97 -4.27 8.65 -17.46
CA THR A 97 -2.98 8.45 -18.14
CA THR A 97 -2.98 8.45 -18.14
C THR A 97 -2.35 7.12 -17.72
N SER A 98 -1.54 6.52 -18.60
CA SER A 98 -0.84 5.27 -18.27
C SER A 98 0.49 5.56 -17.55
N PHE A 99 0.96 4.57 -16.80
CA PHE A 99 2.22 4.65 -16.04
C PHE A 99 3.05 3.40 -16.27
N LEU A 100 4.36 3.57 -16.43
CA LEU A 100 5.27 2.43 -16.63
C LEU A 100 5.65 1.88 -15.26
N VAL A 101 5.37 0.59 -15.06
CA VAL A 101 5.58 -0.08 -13.77
C VAL A 101 6.17 -1.46 -13.97
N ASN A 102 6.80 -1.97 -12.91
CA ASN A 102 7.21 -3.38 -12.85
C ASN A 102 6.00 -4.26 -12.64
N ILE A 103 6.06 -5.49 -13.17
CA ILE A 103 4.97 -6.46 -13.04
C ILE A 103 5.55 -7.87 -12.99
N ALA A 104 5.07 -8.67 -12.04
CA ALA A 104 5.40 -10.09 -11.93
C ALA A 104 4.22 -10.87 -12.51
N THR A 105 4.47 -11.69 -13.53
CA THR A 105 3.42 -12.52 -14.15
C THR A 105 3.57 -13.96 -13.72
N ILE A 106 2.59 -14.43 -12.93
CA ILE A 106 2.68 -15.71 -12.23
C ILE A 106 2.43 -16.83 -13.22
N PHE A 107 3.39 -17.75 -13.31
CA PHE A 107 3.25 -18.98 -14.11
C PHE A 107 3.08 -20.28 -13.30
N GLU A 108 3.25 -20.22 -11.98
CA GLU A 108 2.91 -21.33 -11.09
C GLU A 108 2.72 -20.86 -9.64
N SER A 109 1.91 -21.62 -8.91
CA SER A 109 1.60 -21.32 -7.51
C SER A 109 1.00 -22.53 -6.79
N GLU A 110 0.98 -22.44 -5.46
CA GLU A 110 0.41 -23.46 -4.58
C GLU A 110 -0.33 -22.74 -3.45
N ASN A 111 -1.64 -22.97 -3.34
CA ASN A 111 -2.50 -22.35 -2.33
C ASN A 111 -2.51 -20.81 -2.35
N PHE A 112 -2.56 -20.25 -3.56
CA PHE A 112 -2.51 -18.79 -3.79
C PHE A 112 -3.85 -18.30 -4.35
N PHE A 113 -4.22 -18.81 -5.54
CA PHE A 113 -5.51 -18.50 -6.16
C PHE A 113 -6.56 -19.47 -5.64
N LEU A 114 -7.48 -18.95 -4.81
CA LEU A 114 -8.53 -19.76 -4.15
C LEU A 114 -9.91 -19.28 -4.55
N LYS A 118 -12.35 -13.84 -6.59
CA LYS A 118 -12.66 -12.96 -7.73
C LYS A 118 -11.49 -12.17 -8.30
N TRP A 119 -10.47 -11.90 -7.48
CA TRP A 119 -9.23 -11.24 -7.93
C TRP A 119 -8.29 -12.22 -8.62
N ASN A 120 -7.53 -11.72 -9.59
CA ASN A 120 -6.51 -12.50 -10.35
C ASN A 120 -5.09 -11.88 -10.27
N GLY A 121 -4.88 -10.98 -9.31
CA GLY A 121 -3.57 -10.43 -9.01
C GLY A 121 -3.58 -9.72 -7.67
N ILE A 122 -2.40 -9.26 -7.27
CA ILE A 122 -2.21 -8.54 -6.00
C ILE A 122 -1.41 -7.27 -6.29
N LEU A 123 -1.84 -6.18 -5.65
CA LEU A 123 -1.15 -4.88 -5.69
C LEU A 123 -0.56 -4.64 -4.31
N GLY A 124 0.73 -4.92 -4.18
CA GLY A 124 1.47 -4.68 -2.96
C GLY A 124 1.75 -3.20 -2.76
N LEU A 125 1.15 -2.59 -1.73
CA LEU A 125 1.31 -1.16 -1.43
C LEU A 125 2.21 -0.84 -0.22
N ALA A 126 2.93 -1.84 0.29
CA ALA A 126 3.91 -1.63 1.37
C ALA A 126 5.22 -1.06 0.80
N TYR A 127 6.23 -0.89 1.66
CA TYR A 127 7.47 -0.20 1.26
C TYR A 127 8.44 -1.07 0.43
N ALA A 128 9.37 -0.37 -0.23
CA ALA A 128 10.44 -0.98 -1.05
C ALA A 128 11.19 -2.12 -0.37
N THR A 129 11.43 -1.98 0.95
CA THR A 129 12.07 -3.03 1.79
C THR A 129 11.57 -4.47 1.56
N LEU A 130 10.26 -4.64 1.43
CA LEU A 130 9.65 -5.97 1.23
C LEU A 130 9.59 -6.48 -0.22
N ALA A 131 9.95 -5.64 -1.21
CA ALA A 131 9.87 -6.02 -2.62
C ALA A 131 10.86 -7.13 -2.95
N LYS A 132 10.42 -8.10 -3.76
CA LYS A 132 11.23 -9.24 -4.19
C LYS A 132 11.47 -9.21 -5.71
N PRO A 133 12.61 -9.70 -6.21
CA PRO A 133 13.68 -10.30 -5.39
C PRO A 133 14.55 -9.32 -4.59
N SER A 134 14.39 -8.01 -4.78
CA SER A 134 15.06 -7.02 -3.94
C SER A 134 14.34 -5.68 -3.90
N SER A 135 14.76 -4.86 -2.95
CA SER A 135 14.23 -3.50 -2.79
C SER A 135 14.56 -2.53 -3.93
N SER A 136 15.49 -2.90 -4.82
CA SER A 136 15.73 -2.15 -6.05
C SER A 136 14.63 -2.28 -7.12
N LEU A 137 13.77 -3.31 -7.01
CA LEU A 137 12.62 -3.47 -7.90
C LEU A 137 11.56 -2.45 -7.51
N GLU A 138 11.47 -1.36 -8.27
CA GLU A 138 10.57 -0.25 -7.96
C GLU A 138 9.12 -0.71 -7.78
N THR A 139 8.52 -0.31 -6.66
CA THR A 139 7.15 -0.71 -6.33
C THR A 139 6.17 0.10 -7.16
N PHE A 140 4.94 -0.41 -7.24
CA PHE A 140 3.87 0.25 -7.99
C PHE A 140 3.60 1.67 -7.50
N PHE A 141 3.45 1.82 -6.18
CA PHE A 141 3.15 3.12 -5.61
C PHE A 141 4.27 4.15 -5.77
N ASP A 142 5.52 3.69 -5.66
CA ASP A 142 6.69 4.54 -5.97
C ASP A 142 6.71 5.03 -7.42
N SER A 143 6.35 4.14 -8.36
CA SER A 143 6.19 4.54 -9.77
C SER A 143 5.06 5.54 -9.95
N LEU A 144 3.93 5.27 -9.31
CA LEU A 144 2.73 6.12 -9.42
C LEU A 144 2.95 7.51 -8.83
N VAL A 145 3.52 7.57 -7.62
CA VAL A 145 3.81 8.85 -6.93
C VAL A 145 4.64 9.77 -7.82
N THR A 146 5.70 9.20 -8.38
CA THR A 146 6.61 9.93 -9.26
C THR A 146 5.92 10.29 -10.58
N GLN A 147 5.40 9.30 -11.30
CA GLN A 147 4.87 9.52 -12.65
C GLN A 147 3.53 10.27 -12.73
N ALA A 148 2.71 10.21 -11.68
CA ALA A 148 1.39 10.87 -11.64
C ALA A 148 1.33 12.24 -10.92
N ASN A 149 2.45 12.71 -10.36
CA ASN A 149 2.50 13.98 -9.59
C ASN A 149 1.51 14.02 -8.42
N ILE A 150 1.40 12.89 -7.71
CA ILE A 150 0.53 12.80 -6.52
C ILE A 150 1.39 12.84 -5.27
N PRO A 151 0.82 13.28 -4.12
CA PRO A 151 1.52 13.12 -2.85
C PRO A 151 1.78 11.66 -2.48
N ASN A 152 2.78 11.45 -1.63
CA ASN A 152 3.18 10.11 -1.19
C ASN A 152 2.25 9.67 -0.04
N VAL A 153 0.98 9.48 -0.39
CA VAL A 153 -0.10 9.19 0.55
C VAL A 153 -1.16 8.40 -0.20
N PHE A 154 -1.69 7.37 0.44
CA PHE A 154 -2.94 6.76 -0.02
C PHE A 154 -3.78 6.41 1.19
N SER A 155 -5.09 6.26 0.97
CA SER A 155 -6.03 5.92 2.03
C SER A 155 -7.03 4.88 1.55
N MET A 156 -7.53 4.09 2.49
CA MET A 156 -8.37 2.93 2.19
C MET A 156 -9.57 2.88 3.12
N GLN A 157 -10.73 2.59 2.52
CA GLN A 157 -11.97 2.31 3.23
C GLN A 157 -12.55 1.00 2.73
N MET A 158 -12.96 0.15 3.67
CA MET A 158 -13.60 -1.12 3.40
C MET A 158 -15.02 -1.05 3.95
N CYS A 159 -16.02 -1.22 3.08
CA CYS A 159 -17.43 -1.14 3.49
C CYS A 159 -18.19 -2.49 3.48
N GLY A 160 -17.47 -3.62 3.45
CA GLY A 160 -18.10 -4.95 3.34
C GLY A 160 -18.82 -5.51 4.56
N ALA A 161 -18.59 -4.93 5.74
CA ALA A 161 -19.25 -5.35 6.99
C ALA A 161 -20.54 -4.58 7.17
N ASN A 171 -21.92 -2.75 -1.30
CA ASN A 171 -20.89 -2.04 -0.55
C ASN A 171 -19.46 -2.61 -0.70
N GLY A 172 -18.70 -2.04 -1.64
CA GLY A 172 -17.31 -2.40 -1.85
C GLY A 172 -16.42 -1.57 -0.94
N GLY A 173 -15.68 -0.65 -1.53
CA GLY A 173 -14.75 0.20 -0.77
C GLY A 173 -14.07 1.22 -1.65
N SER A 174 -13.11 1.95 -1.09
CA SER A 174 -12.40 3.02 -1.81
C SER A 174 -10.91 2.96 -1.50
N LEU A 175 -10.09 3.02 -2.56
CA LEU A 175 -8.65 3.23 -2.46
C LEU A 175 -8.39 4.59 -3.12
N VAL A 176 -8.11 5.60 -2.30
CA VAL A 176 -7.79 6.95 -2.77
C VAL A 176 -6.27 7.03 -2.86
N LEU A 177 -5.74 7.03 -4.09
CA LEU A 177 -4.29 7.09 -4.33
C LEU A 177 -3.88 8.55 -4.52
N GLY A 178 -3.11 9.07 -3.56
CA GLY A 178 -2.63 10.46 -3.59
C GLY A 178 -3.09 11.35 -2.45
N GLY A 179 -4.11 10.95 -1.70
CA GLY A 179 -4.56 11.75 -0.57
C GLY A 179 -5.74 11.21 0.20
N ILE A 180 -6.46 12.14 0.83
CA ILE A 180 -7.60 11.87 1.70
C ILE A 180 -8.82 12.48 1.03
N GLU A 181 -9.92 11.73 0.98
CA GLU A 181 -11.21 12.18 0.46
C GLU A 181 -12.09 12.53 1.67
N PRO A 182 -12.53 13.81 1.82
CA PRO A 182 -13.35 14.18 2.99
C PRO A 182 -14.70 13.48 3.16
N SER A 183 -15.38 13.16 2.04
CA SER A 183 -16.67 12.45 2.07
C SER A 183 -16.65 11.01 2.64
N LEU A 184 -15.47 10.38 2.71
CA LEU A 184 -15.31 9.03 3.28
C LEU A 184 -15.21 8.94 4.81
N TYR A 185 -15.18 10.06 5.51
CA TYR A 185 -15.17 10.04 6.98
C TYR A 185 -15.85 11.24 7.62
N LYS A 186 -16.23 11.05 8.88
CA LYS A 186 -16.73 12.08 9.76
C LYS A 186 -15.90 12.02 11.03
N GLY A 187 -15.74 13.16 11.68
CA GLY A 187 -14.91 13.28 12.89
C GLY A 187 -13.45 13.49 12.57
N ASP A 188 -12.62 13.30 13.59
CA ASP A 188 -11.18 13.59 13.51
C ASP A 188 -10.41 12.39 12.98
N ILE A 189 -9.27 12.66 12.34
CA ILE A 189 -8.28 11.66 11.98
C ILE A 189 -7.24 11.65 13.10
N TRP A 190 -6.97 10.47 13.64
CA TRP A 190 -5.93 10.26 14.63
C TRP A 190 -4.75 9.56 13.99
N TYR A 191 -3.56 10.12 14.17
CA TYR A 191 -2.33 9.60 13.54
C TYR A 191 -1.44 8.91 14.56
N THR A 192 -0.93 7.74 14.18
CA THR A 192 0.04 6.99 14.95
C THR A 192 1.32 6.90 14.10
N PRO A 193 2.52 7.03 14.71
CA PRO A 193 3.74 6.95 13.88
C PRO A 193 3.98 5.57 13.27
N ILE A 194 4.59 5.56 12.09
CA ILE A 194 5.08 4.34 11.48
C ILE A 194 6.43 4.13 12.17
N LYS A 195 6.53 3.04 12.93
CA LYS A 195 7.76 2.71 13.67
C LYS A 195 8.89 2.22 12.78
N GLU A 196 8.53 1.45 11.75
CA GLU A 196 9.48 0.94 10.76
C GLU A 196 8.80 0.87 9.40
N GLU A 197 9.51 1.30 8.36
CA GLU A 197 8.98 1.39 7.00
C GLU A 197 9.34 0.12 6.21
N TRP A 198 8.48 -0.87 6.31
CA TRP A 198 8.60 -2.14 5.57
C TRP A 198 7.17 -2.62 5.29
N TYR A 199 6.53 -3.27 6.26
CA TYR A 199 5.09 -3.29 6.45
C TYR A 199 4.75 -1.95 7.08
N TYR A 200 3.46 -1.65 7.21
CA TYR A 200 3.01 -0.46 7.96
C TYR A 200 2.98 -0.79 9.44
N GLN A 201 4.18 -0.84 10.02
CA GLN A 201 4.35 -1.22 11.42
C GLN A 201 4.05 0.00 12.30
N ILE A 202 3.12 -0.22 13.24
CA ILE A 202 2.71 0.81 14.22
C ILE A 202 2.84 0.23 15.63
N GLU A 203 2.78 1.11 16.62
CA GLU A 203 2.98 0.72 18.03
C GLU A 203 1.64 0.56 18.76
N ILE A 204 1.35 -0.65 19.22
CA ILE A 204 0.18 -0.95 20.06
C ILE A 204 0.64 -0.86 21.51
N LEU A 205 -0.09 -0.08 22.31
CA LEU A 205 0.18 0.13 23.73
C LEU A 205 -0.62 -0.78 24.66
N LYS A 206 -1.87 -1.05 24.28
CA LYS A 206 -2.81 -1.77 25.14
C LYS A 206 -3.98 -2.33 24.34
N LEU A 207 -4.48 -3.49 24.78
CA LEU A 207 -5.72 -4.10 24.31
C LEU A 207 -6.71 -4.12 25.46
N GLU A 208 -7.96 -3.72 25.17
CA GLU A 208 -9.02 -3.59 26.18
C GLU A 208 -10.28 -4.30 25.70
N ILE A 209 -10.81 -5.21 26.52
CA ILE A 209 -12.01 -6.00 26.20
C ILE A 209 -13.11 -5.60 27.18
N GLY A 210 -14.15 -4.94 26.66
CA GLY A 210 -15.32 -4.51 27.44
C GLY A 210 -15.02 -3.60 28.63
N GLY A 211 -14.04 -2.71 28.45
CA GLY A 211 -13.53 -1.84 29.53
C GLY A 211 -12.31 -2.34 30.30
N GLN A 212 -12.01 -3.64 30.22
CA GLN A 212 -10.94 -4.28 30.98
C GLN A 212 -9.69 -4.43 30.13
N SER A 213 -8.59 -3.84 30.58
CA SER A 213 -7.27 -4.04 29.95
C SER A 213 -6.79 -5.46 30.21
N LEU A 214 -6.13 -6.05 29.21
CA LEU A 214 -5.43 -7.33 29.38
C LEU A 214 -4.19 -7.08 30.22
N ASN A 215 -3.84 -8.04 31.06
CA ASN A 215 -2.70 -7.91 31.99
C ASN A 215 -1.41 -8.43 31.34
N LEU A 216 -1.01 -7.80 30.24
CA LEU A 216 0.19 -8.18 29.48
C LEU A 216 1.13 -7.00 29.34
N ASP A 217 2.42 -7.33 29.21
CA ASP A 217 3.46 -6.36 28.89
C ASP A 217 3.18 -5.91 27.44
N CYS A 218 3.29 -4.60 27.20
CA CYS A 218 3.01 -4.03 25.86
C CYS A 218 3.96 -4.51 24.74
N ARG A 219 5.13 -5.04 25.10
CA ARG A 219 5.99 -5.80 24.18
C ARG A 219 5.39 -7.07 23.57
N GLU A 220 4.40 -7.68 24.26
CA GLU A 220 3.66 -8.83 23.73
C GLU A 220 2.79 -8.48 22.50
N TYR A 221 2.36 -7.22 22.40
CA TYR A 221 1.58 -6.72 21.23
C TYR A 221 2.40 -6.37 20.01
N ASN A 222 3.71 -6.16 20.18
CA ASN A 222 4.63 -5.78 19.10
C ASN A 222 5.73 -6.85 18.95
N ALA A 223 5.32 -8.13 19.12
CA ALA A 223 6.17 -9.34 19.12
C ALA A 223 7.40 -9.30 18.19
N ASP A 224 7.21 -9.63 16.90
CA ASP A 224 8.07 -9.14 15.84
C ASP A 224 7.56 -7.76 15.41
N LYS A 225 6.24 -7.62 15.25
CA LYS A 225 5.64 -6.38 14.73
C LYS A 225 4.11 -6.34 14.85
N ALA A 226 3.56 -5.13 15.01
CA ALA A 226 2.12 -4.87 14.89
C ALA A 226 1.94 -4.09 13.60
N ILE A 227 1.20 -4.65 12.63
CA ILE A 227 1.09 -4.09 11.27
C ILE A 227 -0.36 -3.88 10.83
N VAL A 228 -0.55 -2.94 9.90
CA VAL A 228 -1.86 -2.65 9.28
C VAL A 228 -1.83 -3.26 7.88
N ASP A 229 -2.59 -4.32 7.69
CA ASP A 229 -2.55 -5.15 6.47
C ASP A 229 -3.93 -5.37 5.87
N SER A 230 -4.22 -4.66 4.77
CA SER A 230 -5.47 -4.88 4.00
C SER A 230 -5.55 -6.24 3.29
N GLY A 231 -4.41 -6.93 3.10
CA GLY A 231 -4.38 -8.29 2.56
C GLY A 231 -4.53 -9.43 3.55
N THR A 232 -4.80 -9.14 4.82
CA THR A 232 -5.12 -10.17 5.82
C THR A 232 -6.59 -9.99 6.19
N THR A 233 -7.33 -11.10 6.20
CA THR A 233 -8.77 -11.11 6.46
C THR A 233 -9.08 -10.79 7.92
N LEU A 234 -8.42 -11.49 8.84
CA LEU A 234 -8.74 -11.41 10.27
C LEU A 234 -7.80 -10.52 11.08
N LEU A 235 -8.22 -10.23 12.32
CA LEU A 235 -7.35 -9.63 13.32
C LEU A 235 -6.50 -10.77 13.86
N ARG A 236 -5.24 -10.83 13.43
CA ARG A 236 -4.33 -11.91 13.84
C ARG A 236 -3.53 -11.41 15.04
N LEU A 237 -3.52 -12.19 16.12
CA LEU A 237 -2.86 -11.83 17.37
C LEU A 237 -1.84 -12.91 17.69
N PRO A 238 -0.67 -12.54 18.31
CA PRO A 238 0.23 -13.59 18.79
C PRO A 238 -0.42 -14.48 19.85
N GLN A 239 -0.08 -15.77 19.84
CA GLN A 239 -0.78 -16.81 20.64
C GLN A 239 -1.13 -16.39 22.08
N LYS A 240 -0.14 -15.85 22.80
CA LYS A 240 -0.34 -15.36 24.17
C LYS A 240 -1.41 -14.25 24.28
N VAL A 241 -1.40 -13.33 23.31
CA VAL A 241 -2.36 -12.22 23.25
C VAL A 241 -3.73 -12.75 22.87
N PHE A 242 -3.77 -13.63 21.86
CA PHE A 242 -4.99 -14.32 21.43
C PHE A 242 -5.69 -15.05 22.58
N ASP A 243 -4.91 -15.82 23.35
CA ASP A 243 -5.42 -16.54 24.54
C ASP A 243 -6.04 -15.60 25.57
N ALA A 244 -5.39 -14.45 25.79
CA ALA A 244 -5.88 -13.41 26.72
C ALA A 244 -7.16 -12.74 26.23
N VAL A 245 -7.24 -12.46 24.93
CA VAL A 245 -8.45 -11.87 24.31
C VAL A 245 -9.64 -12.83 24.43
N VAL A 246 -9.42 -14.10 24.06
CA VAL A 246 -10.45 -15.15 24.15
C VAL A 246 -11.02 -15.27 25.57
N GLU A 247 -10.13 -15.31 26.56
CA GLU A 247 -10.53 -15.38 27.97
C GLU A 247 -11.33 -14.15 28.41
N ALA A 248 -10.92 -12.98 27.96
CA ALA A 248 -11.59 -11.72 28.28
C ALA A 248 -12.95 -11.57 27.60
N VAL A 249 -13.07 -12.02 26.33
CA VAL A 249 -14.36 -12.03 25.61
C VAL A 249 -15.34 -13.02 26.26
N ALA A 250 -14.84 -14.20 26.63
CA ALA A 250 -15.65 -15.24 27.30
C ALA A 250 -16.18 -14.81 28.67
N ARG A 251 -15.33 -14.17 29.47
CA ARG A 251 -15.72 -13.62 30.79
C ARG A 251 -16.74 -12.47 30.68
N ALA A 252 -16.46 -11.53 29.78
CA ALA A 252 -17.33 -10.37 29.55
C ALA A 252 -18.67 -10.69 28.84
N SER A 253 -18.75 -11.82 28.13
CA SER A 253 -19.99 -12.21 27.41
C SER A 253 -21.19 -12.52 28.31
N LEU A 254 -20.96 -13.05 29.52
CA LEU A 254 -21.99 -13.32 30.56
C LEU A 254 -22.99 -14.47 30.26
N ILE A 255 -23.58 -14.50 29.06
CA ILE A 255 -24.33 -15.67 28.52
C ILE A 255 -23.56 -17.00 28.56
N PRO A 256 -24.27 -18.17 28.41
CA PRO A 256 -23.60 -19.48 28.32
C PRO A 256 -22.44 -19.54 27.30
N GLU A 257 -21.36 -20.21 27.70
CA GLU A 257 -20.04 -20.04 27.08
C GLU A 257 -19.95 -20.58 25.65
N PHE A 258 -19.09 -19.95 24.86
CA PHE A 258 -18.74 -20.43 23.50
C PHE A 258 -17.98 -21.75 23.53
N SER A 259 -18.03 -22.47 22.42
CA SER A 259 -17.19 -23.65 22.21
C SER A 259 -15.74 -23.23 21.98
N ASP A 260 -14.82 -24.16 22.26
CA ASP A 260 -13.40 -24.02 21.89
C ASP A 260 -13.21 -23.98 20.37
N GLY A 261 -14.03 -24.74 19.65
CA GLY A 261 -14.09 -24.72 18.19
C GLY A 261 -14.46 -23.39 17.55
N PHE A 262 -15.31 -22.60 18.23
CA PHE A 262 -15.60 -21.22 17.81
C PHE A 262 -14.36 -20.32 17.87
N TRP A 263 -13.61 -20.40 18.96
CA TRP A 263 -12.39 -19.60 19.15
C TRP A 263 -11.31 -19.97 18.13
N THR A 264 -11.08 -21.27 17.93
CA THR A 264 -10.08 -21.78 16.99
C THR A 264 -10.53 -21.77 15.50
N GLY A 265 -11.81 -21.47 15.23
CA GLY A 265 -12.34 -21.39 13.87
C GLY A 265 -12.88 -22.66 13.23
N SER A 266 -12.84 -23.80 13.95
CA SER A 266 -13.34 -25.09 13.43
C SER A 266 -14.86 -25.29 13.48
N GLN A 267 -15.59 -24.43 14.21
CA GLN A 267 -17.04 -24.51 14.35
C GLN A 267 -17.69 -23.12 14.28
N LEU A 268 -18.90 -23.06 13.71
CA LEU A 268 -19.70 -21.84 13.67
C LEU A 268 -20.62 -21.78 14.88
N ALA A 269 -20.86 -20.57 15.38
CA ALA A 269 -21.87 -20.30 16.40
C ALA A 269 -23.10 -19.74 15.69
N CYS A 270 -24.25 -20.40 15.85
CA CYS A 270 -25.50 -20.02 15.18
C CYS A 270 -26.59 -19.58 16.16
N TRP A 271 -27.47 -18.69 15.67
CA TRP A 271 -28.67 -18.23 16.34
C TRP A 271 -29.80 -18.19 15.30
N THR A 272 -31.04 -18.08 15.78
CA THR A 272 -32.22 -18.00 14.89
C THR A 272 -32.27 -16.68 14.09
N THR A 276 -29.50 -12.84 17.22
CA THR A 276 -28.30 -12.88 18.07
C THR A 276 -28.25 -11.67 19.01
N PRO A 277 -27.75 -11.85 20.27
CA PRO A 277 -27.75 -10.74 21.21
C PRO A 277 -26.44 -9.94 21.23
N TRP A 278 -26.37 -8.91 20.38
CA TRP A 278 -25.16 -8.06 20.25
C TRP A 278 -24.78 -7.29 21.50
N SER A 279 -25.79 -6.90 22.28
CA SER A 279 -25.60 -6.28 23.61
C SER A 279 -24.79 -7.14 24.59
N TYR A 280 -24.92 -8.46 24.49
CA TYR A 280 -24.20 -9.39 25.36
C TYR A 280 -22.70 -9.56 25.09
N PHE A 281 -22.18 -9.12 23.94
CA PHE A 281 -20.76 -9.26 23.60
C PHE A 281 -20.01 -7.96 23.81
N PRO A 282 -18.74 -8.02 24.31
CA PRO A 282 -18.02 -6.79 24.61
C PRO A 282 -17.38 -6.12 23.40
N LYS A 283 -17.01 -4.85 23.59
CA LYS A 283 -16.22 -4.10 22.62
C LYS A 283 -14.75 -4.46 22.80
N ILE A 284 -13.98 -4.39 21.70
CA ILE A 284 -12.53 -4.63 21.70
C ILE A 284 -11.86 -3.35 21.24
N SER A 285 -11.07 -2.73 22.12
CA SER A 285 -10.34 -1.49 21.83
C SER A 285 -8.84 -1.77 21.72
N ILE A 286 -8.20 -1.18 20.70
CA ILE A 286 -6.74 -1.23 20.53
C ILE A 286 -6.24 0.21 20.71
N TYR A 287 -5.31 0.39 21.65
CA TYR A 287 -4.71 1.70 21.93
C TYR A 287 -3.44 1.87 21.11
N LEU A 288 -3.34 2.99 20.37
CA LEU A 288 -2.20 3.30 19.52
C LEU A 288 -1.57 4.61 19.97
N ARG A 289 -0.24 4.65 19.95
CA ARG A 289 0.49 5.85 20.40
C ARG A 289 0.26 6.99 19.42
N ASP A 290 -0.03 8.17 19.95
CA ASP A 290 -0.17 9.40 19.17
C ASP A 290 1.24 9.86 18.72
N GLU A 291 1.30 10.72 17.71
CA GLU A 291 2.56 11.39 17.32
C GLU A 291 3.27 12.09 18.49
N ASN A 292 2.47 12.61 19.43
CA ASN A 292 2.94 12.98 20.77
C ASN A 292 2.93 11.70 21.61
N SER A 293 4.10 11.25 22.04
CA SER A 293 4.23 9.97 22.79
C SER A 293 3.57 9.93 24.18
N SER A 294 3.31 11.09 24.77
CA SER A 294 2.54 11.19 26.03
C SER A 294 1.08 10.80 25.90
N ARG A 295 0.52 10.92 24.70
CA ARG A 295 -0.88 10.61 24.42
C ARG A 295 -1.04 9.38 23.54
N SER A 296 -2.23 8.81 23.64
CA SER A 296 -2.68 7.72 22.76
C SER A 296 -4.14 7.93 22.38
N PHE A 297 -4.58 7.16 21.40
CA PHE A 297 -5.99 7.08 21.02
C PHE A 297 -6.32 5.61 20.84
N ARG A 298 -7.61 5.29 20.92
CA ARG A 298 -8.07 3.92 20.77
C ARG A 298 -8.95 3.77 19.54
N ILE A 299 -8.78 2.64 18.85
CA ILE A 299 -9.67 2.22 17.77
C ILE A 299 -10.46 1.04 18.35
N THR A 300 -11.79 1.17 18.31
CA THR A 300 -12.70 0.22 18.97
C THR A 300 -13.55 -0.45 17.91
N ILE A 301 -13.63 -1.78 17.98
CA ILE A 301 -14.54 -2.58 17.15
C ILE A 301 -15.64 -3.15 18.04
N LEU A 302 -16.89 -3.03 17.58
CA LEU A 302 -18.04 -3.65 18.25
C LEU A 302 -18.10 -5.14 17.87
N PRO A 303 -18.89 -5.95 18.62
CA PRO A 303 -19.14 -7.37 18.32
C PRO A 303 -19.45 -7.75 16.87
N GLN A 304 -20.19 -6.88 16.17
CA GLN A 304 -20.57 -7.08 14.77
C GLN A 304 -19.38 -7.22 13.81
N LEU A 305 -18.24 -6.61 14.13
CA LEU A 305 -17.01 -6.73 13.33
C LEU A 305 -16.20 -8.00 13.58
N TYR A 306 -16.15 -8.50 14.82
CA TYR A 306 -15.41 -9.74 15.15
C TYR A 306 -16.26 -11.01 15.33
N ILE A 307 -17.59 -10.90 15.29
CA ILE A 307 -18.50 -12.07 15.22
C ILE A 307 -19.13 -11.97 13.83
N GLN A 308 -18.51 -12.64 12.86
CA GLN A 308 -18.71 -12.34 11.44
C GLN A 308 -19.70 -13.30 10.78
N PRO A 309 -20.78 -12.79 10.12
CA PRO A 309 -21.79 -13.69 9.54
C PRO A 309 -21.28 -14.55 8.38
N MET A 310 -21.71 -15.82 8.35
CA MET A 310 -21.31 -16.80 7.34
C MET A 310 -22.53 -17.61 6.92
N GLU A 318 -29.01 -17.74 11.30
CA GLU A 318 -27.82 -16.92 11.08
C GLU A 318 -26.62 -17.49 11.84
N CYS A 319 -25.59 -17.89 11.12
CA CYS A 319 -24.35 -18.47 11.68
C CYS A 319 -23.17 -17.52 11.55
N TYR A 320 -22.26 -17.57 12.52
CA TYR A 320 -21.13 -16.65 12.64
C TYR A 320 -19.82 -17.38 12.90
N ARG A 321 -18.73 -16.80 12.39
CA ARG A 321 -17.37 -17.23 12.70
C ARG A 321 -16.65 -16.12 13.47
N PHE A 322 -15.63 -16.53 14.21
CA PHE A 322 -14.83 -15.63 15.03
C PHE A 322 -13.85 -14.89 14.13
N GLY A 323 -13.88 -13.56 14.20
CA GLY A 323 -13.07 -12.70 13.33
C GLY A 323 -11.64 -12.43 13.76
N ILE A 324 -11.16 -13.13 14.81
CA ILE A 324 -9.81 -13.01 15.35
C ILE A 324 -9.21 -14.42 15.31
N SER A 325 -7.92 -14.52 15.00
CA SER A 325 -7.20 -15.80 14.92
C SER A 325 -5.80 -15.70 15.52
N PRO A 326 -5.17 -16.85 15.89
CA PRO A 326 -3.80 -16.75 16.38
C PRO A 326 -2.78 -16.55 15.25
N SER A 327 -1.59 -16.15 15.67
CA SER A 327 -0.43 -16.07 14.79
C SER A 327 0.82 -16.39 15.61
N THR A 328 1.90 -16.65 14.89
CA THR A 328 3.20 -16.94 15.50
C THR A 328 3.92 -15.61 15.68
N ASN A 329 4.17 -14.99 14.53
CA ASN A 329 4.83 -13.71 14.40
C ASN A 329 3.77 -12.74 13.94
N ALA A 330 3.87 -11.51 14.41
CA ALA A 330 3.09 -10.36 13.97
C ALA A 330 1.65 -10.31 14.48
N LEU A 331 1.31 -9.15 15.04
CA LEU A 331 -0.06 -8.78 15.32
C LEU A 331 -0.52 -8.07 14.05
N VAL A 332 -1.44 -8.71 13.30
CA VAL A 332 -1.89 -8.19 12.00
C VAL A 332 -3.26 -7.55 12.18
N ILE A 333 -3.32 -6.22 12.01
CA ILE A 333 -4.57 -5.47 11.99
C ILE A 333 -5.14 -5.62 10.58
N GLY A 334 -5.88 -6.72 10.39
CA GLY A 334 -6.48 -7.07 9.10
C GLY A 334 -7.82 -6.43 8.81
N ALA A 335 -8.53 -6.99 7.84
CA ALA A 335 -9.84 -6.49 7.39
C ALA A 335 -10.92 -6.47 8.47
N THR A 336 -10.85 -7.41 9.43
CA THR A 336 -11.74 -7.40 10.62
C THR A 336 -11.81 -6.02 11.28
N VAL A 337 -10.65 -5.40 11.45
CA VAL A 337 -10.54 -4.07 12.05
C VAL A 337 -10.69 -2.97 10.99
N MET A 338 -10.00 -3.12 9.84
CA MET A 338 -10.04 -2.09 8.77
C MET A 338 -11.43 -1.80 8.20
N GLU A 339 -12.34 -2.78 8.26
CA GLU A 339 -13.76 -2.55 7.92
C GLU A 339 -14.52 -1.53 8.80
N GLY A 340 -13.99 -1.20 9.98
CA GLY A 340 -14.52 -0.14 10.82
C GLY A 340 -14.00 1.27 10.56
N PHE A 341 -12.87 1.40 9.83
CA PHE A 341 -12.14 2.68 9.75
C PHE A 341 -11.63 3.06 8.37
N TYR A 342 -11.63 4.37 8.12
CA TYR A 342 -10.95 4.96 6.99
C TYR A 342 -9.49 5.11 7.42
N VAL A 343 -8.60 4.34 6.77
CA VAL A 343 -7.19 4.23 7.17
C VAL A 343 -6.34 4.98 6.15
N ILE A 344 -5.54 5.93 6.64
CA ILE A 344 -4.72 6.83 5.81
C ILE A 344 -3.27 6.37 5.97
N PHE A 345 -2.68 5.90 4.87
CA PHE A 345 -1.29 5.46 4.83
C PHE A 345 -0.44 6.64 4.37
N ASP A 346 -0.13 7.52 5.33
CA ASP A 346 0.61 8.75 5.09
C ASP A 346 2.12 8.45 5.14
N ARG A 347 2.63 7.96 4.02
CA ARG A 347 4.05 7.64 3.87
C ARG A 347 4.95 8.89 3.89
N ALA A 348 4.47 9.99 3.31
CA ALA A 348 5.17 11.29 3.33
C ALA A 348 5.55 11.79 4.73
N GLN A 349 4.63 11.63 5.69
CA GLN A 349 4.82 12.06 7.08
C GLN A 349 5.04 10.90 8.09
N LYS A 350 5.29 9.69 7.58
CA LYS A 350 5.66 8.52 8.37
C LYS A 350 4.64 8.18 9.47
N ARG A 351 3.37 8.15 9.07
CA ARG A 351 2.26 7.94 10.01
C ARG A 351 1.08 7.23 9.34
N VAL A 352 0.26 6.58 10.18
CA VAL A 352 -0.98 5.94 9.76
C VAL A 352 -2.11 6.66 10.47
N GLY A 353 -3.05 7.20 9.69
CA GLY A 353 -4.24 7.87 10.21
C GLY A 353 -5.41 6.92 10.35
N PHE A 354 -6.28 7.17 11.34
CA PHE A 354 -7.51 6.40 11.55
C PHE A 354 -8.67 7.36 11.80
N ALA A 355 -9.78 7.13 11.11
CA ALA A 355 -11.06 7.81 11.36
C ALA A 355 -12.18 6.79 11.21
N ALA A 356 -13.27 7.00 11.94
CA ALA A 356 -14.42 6.07 11.89
C ALA A 356 -15.12 6.16 10.53
N SER A 357 -15.49 5.00 9.97
CA SER A 357 -16.15 4.91 8.66
C SER A 357 -17.67 5.09 8.84
N PRO A 358 -18.30 6.06 8.12
CA PRO A 358 -19.77 6.13 8.07
C PRO A 358 -20.44 4.88 7.50
N CYS A 359 -19.83 4.26 6.48
CA CYS A 359 -20.33 2.99 5.90
C CYS A 359 -20.26 1.78 6.85
N ALA A 360 -19.40 1.82 7.87
CA ALA A 360 -19.32 0.78 8.89
C ALA A 360 -20.53 0.85 9.84
N GLU A 361 -21.66 0.37 9.33
CA GLU A 361 -22.95 0.41 10.04
C GLU A 361 -23.75 -0.82 9.68
N ILE A 362 -24.26 -1.51 10.70
CA ILE A 362 -25.05 -2.74 10.54
C ILE A 362 -26.29 -2.59 11.42
N ALA A 363 -27.48 -2.77 10.82
CA ALA A 363 -28.77 -2.71 11.51
C ALA A 363 -28.99 -1.38 12.28
N GLY A 364 -28.59 -0.28 11.64
CA GLY A 364 -28.68 1.06 12.23
C GLY A 364 -27.78 1.37 13.41
N ALA A 365 -26.65 0.64 13.55
CA ALA A 365 -25.69 0.83 14.64
C ALA A 365 -24.29 0.93 14.07
N ALA A 366 -23.55 1.97 14.48
CA ALA A 366 -22.15 2.13 14.11
C ALA A 366 -21.34 1.03 14.78
N VAL A 367 -20.66 0.21 13.96
CA VAL A 367 -19.92 -0.97 14.44
C VAL A 367 -18.46 -0.70 14.81
N SER A 368 -18.03 0.57 14.74
CA SER A 368 -16.71 1.00 15.18
C SER A 368 -16.77 2.36 15.86
N GLU A 369 -15.79 2.61 16.73
CA GLU A 369 -15.62 3.91 17.41
C GLU A 369 -14.14 4.28 17.44
N ILE A 370 -13.88 5.59 17.48
CA ILE A 370 -12.54 6.14 17.72
C ILE A 370 -12.65 7.27 18.73
N SER A 371 -11.69 7.32 19.67
CA SER A 371 -11.69 8.32 20.74
C SER A 371 -10.31 8.57 21.33
N GLY A 372 -10.20 9.68 22.05
CA GLY A 372 -8.95 10.14 22.67
C GLY A 372 -9.00 11.62 23.01
N PRO A 373 -7.96 12.17 23.65
CA PRO A 373 -6.72 11.46 24.01
C PRO A 373 -6.77 10.69 25.33
N PHE A 374 -5.80 9.80 25.51
CA PHE A 374 -5.57 9.04 26.76
C PHE A 374 -4.10 9.10 27.13
N SER A 375 -3.81 9.10 28.43
CA SER A 375 -2.43 9.16 28.94
C SER A 375 -1.69 7.84 28.73
N THR A 376 -0.39 7.93 28.46
CA THR A 376 0.51 6.78 28.32
C THR A 376 1.55 6.69 29.46
N GLU A 377 1.32 7.41 30.56
CA GLU A 377 2.27 7.48 31.69
C GLU A 377 2.51 6.15 32.43
N ASP A 378 1.51 5.26 32.41
CA ASP A 378 1.64 3.91 32.97
C ASP A 378 2.56 3.02 32.13
N VAL A 379 2.27 2.94 30.83
CA VAL A 379 3.06 2.12 29.89
C VAL A 379 4.44 2.70 29.57
N ALA A 380 5.32 1.83 29.05
CA ALA A 380 6.70 2.20 28.70
C ALA A 380 6.77 3.08 27.45
N SER A 381 7.87 3.83 27.34
CA SER A 381 8.06 4.79 26.24
C SER A 381 8.23 4.15 24.85
N ASN A 382 8.82 2.95 24.80
CA ASN A 382 8.97 2.16 23.57
C ASN A 382 8.52 0.70 23.81
N CYS A 383 7.28 0.41 23.42
CA CYS A 383 6.73 -0.97 23.43
C CYS A 383 7.26 -1.89 22.33
N VAL A 384 7.92 -1.35 21.29
CA VAL A 384 8.59 -2.17 20.26
C VAL A 384 9.96 -2.61 20.84
N PRO A 385 10.29 -3.92 20.78
CA PRO A 385 11.65 -4.36 21.15
C PRO A 385 12.74 -3.87 20.21
N ALA B 1 19.90 -3.03 -0.88
CA ALA B 1 20.29 -2.27 -2.12
C ALA B 1 20.39 -0.77 -1.84
N GLN B 2 21.60 -0.22 -1.95
CA GLN B 2 21.84 1.22 -1.79
C GLN B 2 21.89 1.87 -3.18
N VAL B 3 20.72 2.28 -3.64
CA VAL B 3 20.54 2.93 -4.94
C VAL B 3 21.16 4.33 -4.87
N GLN B 4 22.36 4.47 -5.43
CA GLN B 4 23.11 5.72 -5.46
C GLN B 4 23.01 6.38 -6.82
N LEU B 5 22.65 7.65 -6.84
CA LEU B 5 22.40 8.43 -8.07
C LEU B 5 23.05 9.80 -7.95
N GLN B 6 23.73 10.24 -9.02
CA GLN B 6 24.37 11.56 -9.06
C GLN B 6 24.17 12.21 -10.42
N GLU B 7 23.45 13.34 -10.43
CA GLU B 7 23.11 14.06 -11.66
C GLU B 7 24.18 15.10 -11.98
N SER B 8 24.28 15.45 -13.26
N SER B 8 24.26 15.47 -13.26
CA SER B 8 25.23 16.44 -13.76
CA SER B 8 25.18 16.51 -13.71
C SER B 8 24.67 17.03 -15.05
C SER B 8 24.69 17.01 -15.06
N GLY B 9 25.34 18.05 -15.57
CA GLY B 9 25.02 18.64 -16.89
C GLY B 9 24.07 19.82 -16.90
N GLY B 10 23.58 20.25 -15.73
CA GLY B 10 22.76 21.46 -15.64
C GLY B 10 23.57 22.73 -15.83
N GLY B 11 22.85 23.84 -16.00
CA GLY B 11 23.48 25.15 -16.20
C GLY B 11 22.50 26.28 -16.44
N LEU B 12 23.07 27.47 -16.60
CA LEU B 12 22.32 28.69 -16.90
C LEU B 12 22.37 28.94 -18.40
N VAL B 13 21.21 28.93 -19.05
CA VAL B 13 21.11 29.08 -20.51
C VAL B 13 20.11 30.18 -20.88
N GLN B 14 20.13 30.58 -22.15
CA GLN B 14 19.15 31.53 -22.70
C GLN B 14 17.88 30.80 -23.15
N PRO B 15 16.77 31.54 -23.42
CA PRO B 15 15.60 30.93 -24.07
C PRO B 15 15.90 30.41 -25.48
N GLY B 16 15.36 29.23 -25.80
CA GLY B 16 15.71 28.49 -27.01
C GLY B 16 17.02 27.70 -26.95
N GLY B 17 17.68 27.66 -25.78
CA GLY B 17 18.96 26.99 -25.60
C GLY B 17 18.81 25.50 -25.36
N SER B 18 19.91 24.87 -24.97
CA SER B 18 20.02 23.41 -24.85
C SER B 18 20.96 22.98 -23.72
N LEU B 19 20.62 21.83 -23.13
CA LEU B 19 21.46 21.14 -22.15
C LEU B 19 21.33 19.63 -22.35
N ARG B 20 22.37 18.90 -21.94
CA ARG B 20 22.33 17.44 -21.84
C ARG B 20 22.63 17.06 -20.40
N LEU B 21 21.58 16.69 -19.67
CA LEU B 21 21.73 16.18 -18.32
C LEU B 21 22.17 14.73 -18.38
N SER B 22 22.96 14.32 -17.40
CA SER B 22 23.35 12.93 -17.21
C SER B 22 23.17 12.57 -15.75
N CYS B 23 23.02 11.27 -15.48
CA CYS B 23 22.98 10.77 -14.11
C CYS B 23 23.73 9.45 -14.02
N ALA B 24 24.77 9.43 -13.19
CA ALA B 24 25.57 8.23 -12.93
C ALA B 24 24.91 7.42 -11.84
N ALA B 25 24.88 6.10 -12.01
CA ALA B 25 24.23 5.15 -11.10
C ALA B 25 25.23 4.11 -10.60
N SER B 26 25.07 3.72 -9.34
CA SER B 26 25.89 2.66 -8.72
C SER B 26 25.14 2.06 -7.53
N GLY B 27 25.56 0.84 -7.14
CA GLY B 27 24.96 0.10 -6.04
C GLY B 27 23.76 -0.77 -6.36
N PHE B 28 23.41 -0.89 -7.64
CA PHE B 28 22.30 -1.73 -8.11
C PHE B 28 22.47 -2.06 -9.59
N THR B 29 21.70 -3.04 -10.04
CA THR B 29 21.69 -3.45 -11.46
C THR B 29 20.92 -2.40 -12.26
N PHE B 30 21.63 -1.37 -12.71
CA PHE B 30 21.08 -0.27 -13.53
C PHE B 30 20.38 -0.77 -14.81
N SER B 31 20.94 -1.80 -15.44
CA SER B 31 20.35 -2.41 -16.64
C SER B 31 18.98 -3.10 -16.46
N SER B 32 18.56 -3.34 -15.21
CA SER B 32 17.22 -3.86 -14.89
C SER B 32 16.26 -2.84 -14.23
N ALA B 33 16.66 -1.57 -14.13
CA ALA B 33 15.92 -0.57 -13.36
C ALA B 33 15.17 0.39 -14.27
N ILE B 34 13.89 0.63 -13.97
CA ILE B 34 13.12 1.73 -14.55
C ILE B 34 13.77 3.03 -14.03
N MET B 35 13.92 4.02 -14.90
CA MET B 35 14.53 5.30 -14.56
C MET B 35 13.61 6.44 -14.94
N THR B 36 13.58 7.47 -14.07
CA THR B 36 12.65 8.59 -14.21
C THR B 36 13.34 9.90 -13.89
N TRP B 37 13.11 10.93 -14.72
CA TRP B 37 13.47 12.32 -14.42
C TRP B 37 12.26 13.05 -13.84
N VAL B 38 12.53 13.82 -12.79
CA VAL B 38 11.54 14.68 -12.12
C VAL B 38 12.19 16.05 -12.01
N ARG B 39 11.37 17.10 -12.00
CA ARG B 39 11.86 18.46 -11.74
C ARG B 39 11.08 19.14 -10.61
N GLN B 40 11.77 20.04 -9.91
CA GLN B 40 11.24 20.76 -8.75
C GLN B 40 11.86 22.15 -8.72
N ALA B 41 11.02 23.18 -8.84
CA ALA B 41 11.42 24.58 -8.68
C ALA B 41 10.91 25.08 -7.33
N PRO B 42 11.60 26.09 -6.71
CA PRO B 42 11.08 26.64 -5.44
C PRO B 42 9.69 27.27 -5.55
N GLY B 43 8.83 26.99 -4.57
CA GLY B 43 7.46 27.46 -4.56
C GLY B 43 6.49 26.81 -5.55
N LYS B 44 6.89 25.71 -6.18
CA LYS B 44 6.06 25.00 -7.16
C LYS B 44 5.97 23.52 -6.81
N GLY B 45 4.99 22.86 -7.40
CA GLY B 45 4.78 21.42 -7.19
C GLY B 45 5.81 20.59 -7.92
N ARG B 46 6.07 19.40 -7.39
CA ARG B 46 6.91 18.38 -8.03
C ARG B 46 6.31 18.05 -9.41
N GLU B 47 7.16 17.99 -10.44
CA GLU B 47 6.69 17.72 -11.81
C GLU B 47 7.51 16.61 -12.44
N TRP B 48 6.82 15.52 -12.79
CA TRP B 48 7.37 14.44 -13.59
C TRP B 48 7.74 14.96 -14.99
N VAL B 49 8.92 14.58 -15.47
CA VAL B 49 9.44 15.00 -16.77
C VAL B 49 9.30 13.85 -17.76
N SER B 50 9.98 12.74 -17.45
CA SER B 50 10.05 11.59 -18.36
C SER B 50 10.49 10.33 -17.63
N THR B 51 10.00 9.18 -18.11
CA THR B 51 10.37 7.85 -17.61
C THR B 51 10.85 6.99 -18.78
N ILE B 52 11.84 6.13 -18.51
CA ILE B 52 12.40 5.20 -19.48
C ILE B 52 12.48 3.81 -18.86
N GLY B 53 12.04 2.80 -19.61
CA GLY B 53 12.16 1.40 -19.18
C GLY B 53 13.60 0.92 -19.21
N SER B 54 13.84 -0.22 -18.56
CA SER B 54 15.21 -0.73 -18.33
C SER B 54 16.04 -1.00 -19.58
N ASP B 55 15.42 -1.58 -20.63
CA ASP B 55 16.12 -1.78 -21.92
C ASP B 55 16.17 -0.53 -22.84
N GLY B 56 15.47 0.54 -22.46
CA GLY B 56 15.48 1.81 -23.19
C GLY B 56 14.42 1.99 -24.27
N SER B 57 13.72 0.91 -24.65
CA SER B 57 12.77 0.97 -25.77
C SER B 57 11.46 1.71 -25.45
N ILE B 58 11.01 1.67 -24.20
CA ILE B 58 9.77 2.30 -23.76
C ILE B 58 10.12 3.61 -23.07
N THR B 59 9.62 4.71 -23.62
CA THR B 59 9.83 6.06 -23.08
C THR B 59 8.49 6.79 -23.02
N THR B 60 8.27 7.53 -21.93
CA THR B 60 7.07 8.36 -21.74
C THR B 60 7.51 9.75 -21.32
N TYR B 61 6.68 10.74 -21.65
CA TYR B 61 6.98 12.16 -21.40
C TYR B 61 5.75 12.92 -20.91
N ALA B 62 6.00 13.94 -20.11
CA ALA B 62 4.97 14.91 -19.74
C ALA B 62 4.64 15.76 -20.96
N ASP B 63 3.38 16.19 -21.05
CA ASP B 63 2.91 17.05 -22.16
C ASP B 63 3.66 18.40 -22.27
N SER B 64 4.10 18.92 -21.12
CA SER B 64 4.91 20.16 -21.05
C SER B 64 6.27 20.08 -21.75
N VAL B 65 6.87 18.88 -21.80
CA VAL B 65 8.20 18.65 -22.41
C VAL B 65 8.21 17.86 -23.73
N LYS B 66 7.03 17.42 -24.20
CA LYS B 66 6.90 16.52 -25.36
C LYS B 66 7.39 17.22 -26.64
N GLY B 67 8.27 16.54 -27.38
CA GLY B 67 8.90 17.10 -28.60
C GLY B 67 10.14 17.97 -28.40
N ARG B 68 10.43 18.37 -27.16
CA ARG B 68 11.59 19.20 -26.81
C ARG B 68 12.67 18.41 -26.06
N PHE B 69 12.26 17.59 -25.09
CA PHE B 69 13.19 16.78 -24.29
C PHE B 69 13.16 15.34 -24.78
N THR B 70 14.32 14.68 -24.68
CA THR B 70 14.46 13.27 -25.04
C THR B 70 15.23 12.57 -23.92
N ILE B 71 14.66 11.47 -23.42
CA ILE B 71 15.28 10.62 -22.39
C ILE B 71 16.00 9.48 -23.11
N SER B 72 17.13 9.07 -22.54
CA SER B 72 17.88 7.90 -23.04
C SER B 72 18.81 7.37 -21.96
N ARG B 73 19.41 6.22 -22.25
CA ARG B 73 20.31 5.56 -21.31
C ARG B 73 21.36 4.72 -22.01
N ASP B 74 22.50 4.57 -21.33
CA ASP B 74 23.58 3.67 -21.72
C ASP B 74 23.76 2.72 -20.55
N ASN B 75 23.18 1.53 -20.67
CA ASN B 75 23.25 0.49 -19.62
C ASN B 75 24.67 -0.04 -19.36
N ALA B 76 25.48 -0.11 -20.41
CA ALA B 76 26.90 -0.51 -20.27
C ALA B 76 27.72 0.45 -19.39
N ARG B 77 27.40 1.74 -19.45
CA ARG B 77 28.07 2.79 -18.66
C ARG B 77 27.31 3.25 -17.39
N ASN B 78 26.20 2.58 -17.07
CA ASN B 78 25.37 2.90 -15.89
C ASN B 78 24.97 4.38 -15.82
N THR B 79 24.54 4.92 -16.96
CA THR B 79 24.23 6.34 -17.11
C THR B 79 22.85 6.55 -17.76
N LEU B 80 22.07 7.42 -17.15
CA LEU B 80 20.82 7.94 -17.69
C LEU B 80 21.10 9.33 -18.26
N TYR B 81 20.38 9.70 -19.32
CA TYR B 81 20.50 11.01 -19.97
C TYR B 81 19.14 11.69 -20.16
N LEU B 82 19.18 13.03 -20.20
CA LEU B 82 18.06 13.85 -20.67
C LEU B 82 18.61 14.96 -21.56
N GLN B 83 18.37 14.82 -22.87
CA GLN B 83 18.67 15.88 -23.83
C GLN B 83 17.53 16.87 -23.77
N MET B 84 17.86 18.13 -23.51
CA MET B 84 16.89 19.21 -23.36
C MET B 84 17.18 20.21 -24.49
N ASN B 85 16.18 20.45 -25.34
CA ASN B 85 16.24 21.44 -26.42
C ASN B 85 15.09 22.42 -26.29
N SER B 86 15.20 23.55 -26.99
CA SER B 86 14.18 24.62 -27.02
C SER B 86 13.74 25.04 -25.61
N LEU B 87 14.72 25.27 -24.74
CA LEU B 87 14.48 25.55 -23.31
C LEU B 87 13.75 26.88 -23.11
N LYS B 88 12.77 26.86 -22.21
CA LYS B 88 11.91 28.02 -21.90
C LYS B 88 12.16 28.42 -20.44
N PRO B 89 11.84 29.68 -20.04
CA PRO B 89 11.98 30.09 -18.62
C PRO B 89 11.25 29.21 -17.58
N GLU B 90 10.08 28.70 -17.98
CA GLU B 90 9.29 27.76 -17.17
C GLU B 90 9.90 26.35 -16.97
N ASP B 91 10.97 26.00 -17.71
CA ASP B 91 11.75 24.78 -17.46
C ASP B 91 12.76 24.92 -16.32
N THR B 92 12.97 26.14 -15.80
CA THR B 92 13.86 26.39 -14.66
C THR B 92 13.45 25.58 -13.44
N ALA B 93 14.34 24.69 -12.99
CA ALA B 93 14.12 23.79 -11.85
C ALA B 93 15.39 23.00 -11.55
N VAL B 94 15.37 22.33 -10.40
CA VAL B 94 16.32 21.26 -10.10
C VAL B 94 15.74 20.02 -10.77
N TYR B 95 16.56 19.36 -11.60
CA TYR B 95 16.19 18.12 -12.28
C TYR B 95 16.91 17.00 -11.58
N TYR B 96 16.16 15.98 -11.15
CA TYR B 96 16.74 14.82 -10.48
C TYR B 96 16.18 13.50 -10.98
N CYS B 97 17.04 12.48 -10.90
CA CYS B 97 16.71 11.10 -11.22
CA CYS B 97 16.68 11.10 -11.20
C CYS B 97 16.09 10.41 -10.00
N THR B 98 15.18 9.48 -10.25
CA THR B 98 14.62 8.64 -9.19
C THR B 98 14.46 7.19 -9.67
N SER B 99 14.62 6.27 -8.73
CA SER B 99 14.52 4.84 -8.97
C SER B 99 14.26 4.13 -7.65
N ALA B 100 13.18 3.34 -7.60
CA ALA B 100 12.79 2.53 -6.44
C ALA B 100 12.65 3.32 -5.12
N GLY B 101 12.09 4.52 -5.21
CA GLY B 101 11.93 5.40 -4.05
C GLY B 101 13.15 6.22 -3.62
N ARG B 102 14.31 6.01 -4.25
CA ARG B 102 15.53 6.78 -3.99
C ARG B 102 15.68 7.80 -5.10
N ARG B 103 16.35 8.90 -4.77
CA ARG B 103 16.64 9.97 -5.72
C ARG B 103 18.07 10.48 -5.55
N GLY B 104 18.56 11.14 -6.61
CA GLY B 104 19.85 11.82 -6.56
C GLY B 104 19.65 13.25 -6.07
N PRO B 105 20.76 13.95 -5.73
CA PRO B 105 20.64 15.34 -5.25
C PRO B 105 20.17 16.35 -6.31
N GLY B 106 20.39 16.03 -7.59
CA GLY B 106 19.82 16.78 -8.70
C GLY B 106 20.83 17.76 -9.27
N THR B 107 20.44 18.36 -10.39
CA THR B 107 21.27 19.35 -11.09
C THR B 107 20.37 20.54 -11.47
N GLN B 108 20.89 21.75 -11.25
CA GLN B 108 20.13 22.97 -11.48
C GLN B 108 20.12 23.31 -12.97
N VAL B 109 18.93 23.61 -13.47
CA VAL B 109 18.70 24.12 -14.82
C VAL B 109 18.04 25.48 -14.63
N THR B 110 18.62 26.53 -15.22
CA THR B 110 18.08 27.88 -15.19
C THR B 110 18.02 28.44 -16.60
N VAL B 111 16.85 28.95 -16.98
CA VAL B 111 16.63 29.52 -18.31
C VAL B 111 16.18 30.98 -18.09
N SER B 112 16.99 31.93 -18.56
CA SER B 112 16.75 33.36 -18.36
C SER B 112 17.40 34.21 -19.46
N SER B 113 16.70 35.27 -19.88
CA SER B 113 17.15 36.16 -20.95
C SER B 113 17.92 37.35 -20.39
#